data_1Y2U
#
_entry.id   1Y2U
#
_cell.length_a   91.610
_cell.length_b   96.090
_cell.length_c   75.060
_cell.angle_alpha   90.00
_cell.angle_beta   90.00
_cell.angle_gamma   90.00
#
_symmetry.space_group_name_H-M   'C 2 2 21'
#
loop_
_entity.id
_entity.type
_entity.pdbx_description
1 polymer lectin
2 branched beta-D-galactopyranose-(1-3)-2-acetamido-2-deoxy-beta-D-glucopyranose
3 water water
#
_entity_poly.entity_id   1
_entity_poly.type   'polypeptide(L)'
_entity_poly.pdbx_seq_one_letter_code
;TYTISIRVYQTTPKGFFRPVERTNWKYANGGTWDEVRGEYVLTMGGSGTSGSLRFVSSDTDESFVATFGVHNYKRWCDIV
TNLTNEQTALVINQEYYGVPIRDQARENQLTSYNVANAKGRRFAIEYTVTEGDNLKANLIIG
;
_entity_poly.pdbx_strand_id   A,B
#
loop_
_chem_comp.id
_chem_comp.type
_chem_comp.name
_chem_comp.formula
GAL D-saccharide, beta linking beta-D-galactopyranose 'C6 H12 O6'
NAG D-saccharide, beta linking 2-acetamido-2-deoxy-beta-D-glucopyranose 'C8 H15 N O6'
#
# COMPACT_ATOMS: atom_id res chain seq x y z
N THR A 1 -16.74 -5.24 -11.96
CA THR A 1 -16.20 -4.44 -10.81
C THR A 1 -16.74 -4.91 -9.47
N TYR A 2 -15.82 -5.27 -8.57
CA TYR A 2 -16.14 -5.62 -7.19
C TYR A 2 -15.68 -4.52 -6.24
N THR A 3 -16.42 -4.32 -5.15
CA THR A 3 -15.88 -3.62 -3.98
C THR A 3 -15.95 -4.54 -2.76
N ILE A 4 -14.93 -4.43 -1.91
CA ILE A 4 -14.96 -5.03 -0.58
C ILE A 4 -14.79 -3.90 0.43
N SER A 5 -15.84 -3.63 1.20
CA SER A 5 -15.82 -2.57 2.21
C SER A 5 -15.54 -3.16 3.60
N ILE A 6 -14.52 -2.63 4.27
CA ILE A 6 -14.02 -3.23 5.50
C ILE A 6 -14.17 -2.31 6.71
N ARG A 7 -14.82 -2.82 7.74
CA ARG A 7 -14.97 -2.13 9.02
C ARG A 7 -14.00 -2.72 10.03
N VAL A 8 -13.16 -1.87 10.61
CA VAL A 8 -12.16 -2.35 11.56
C VAL A 8 -12.65 -2.17 12.99
N TYR A 9 -12.63 -3.28 13.72
CA TYR A 9 -12.99 -3.30 15.14
C TYR A 9 -11.78 -3.66 15.98
N GLN A 10 -11.42 -2.76 16.88
CA GLN A 10 -10.36 -3.01 17.85
C GLN A 10 -11.03 -3.22 19.21
N THR A 11 -10.99 -4.45 19.71
CA THR A 11 -11.89 -4.87 20.79
C THR A 11 -11.35 -4.76 22.22
N THR A 12 -10.03 -4.66 22.36
CA THR A 12 -9.42 -4.52 23.69
C THR A 12 -8.50 -3.30 23.73
N PRO A 13 -8.59 -2.51 24.79
CA PRO A 13 -7.71 -1.34 24.97
C PRO A 13 -6.25 -1.72 25.31
N LYS A 14 -5.87 -2.97 25.02
CA LYS A 14 -4.52 -3.45 25.25
C LYS A 14 -3.74 -3.34 23.96
N GLY A 15 -2.79 -2.39 23.93
CA GLY A 15 -2.09 -2.06 22.70
C GLY A 15 -2.98 -1.24 21.77
N PHE A 16 -2.39 -0.77 20.66
CA PHE A 16 -3.13 0.00 19.66
C PHE A 16 -2.60 -0.26 18.26
N PHE A 17 -3.45 -0.84 17.42
CA PHE A 17 -3.11 -1.15 16.04
C PHE A 17 -3.53 0.01 15.14
N ARG A 18 -2.57 0.51 14.37
CA ARG A 18 -2.80 1.62 13.44
C ARG A 18 -2.52 1.13 12.02
N PRO A 19 -3.20 1.70 11.02
CA PRO A 19 -2.96 1.33 9.62
C PRO A 19 -1.60 1.83 9.14
N VAL A 20 -0.85 1.01 8.40
CA VAL A 20 0.49 1.38 7.96
C VAL A 20 0.78 1.14 6.47
N GLU A 21 -0.11 0.43 5.78
CA GLU A 21 0.15 0.03 4.40
C GLU A 21 -1.11 -0.53 3.75
N ARG A 22 -1.31 -0.22 2.48
CA ARG A 22 -2.39 -0.81 1.69
C ARG A 22 -1.96 -1.03 0.26
N THR A 23 -2.09 -2.27 -0.20
CA THR A 23 -1.51 -2.69 -1.48
C THR A 23 -2.57 -3.28 -2.41
N ASN A 24 -2.27 -3.24 -3.71
CA ASN A 24 -3.15 -3.81 -4.73
C ASN A 24 -2.39 -4.77 -5.63
N TRP A 25 -2.92 -5.98 -5.76
CA TRP A 25 -2.39 -6.94 -6.72
C TRP A 25 -2.77 -6.55 -8.16
N LYS A 26 -1.99 -7.04 -9.12
CA LYS A 26 -1.99 -6.54 -10.49
C LYS A 26 -2.96 -7.23 -11.45
N TYR A 27 -3.50 -8.38 -11.06
CA TYR A 27 -4.41 -9.15 -11.91
C TYR A 27 -5.76 -8.43 -12.07
N ALA A 28 -6.53 -8.85 -13.08
CA ALA A 28 -7.90 -8.35 -13.31
C ALA A 28 -7.99 -6.82 -13.36
N ASN A 29 -7.05 -6.20 -14.07
CA ASN A 29 -6.97 -4.74 -14.21
C ASN A 29 -6.69 -4.00 -12.90
N GLY A 30 -6.08 -4.70 -11.94
CA GLY A 30 -5.66 -4.13 -10.69
C GLY A 30 -6.80 -3.74 -9.78
N GLY A 31 -6.59 -2.68 -9.01
CA GLY A 31 -7.60 -2.24 -8.06
C GLY A 31 -7.11 -1.06 -7.27
N THR A 32 -7.95 -0.53 -6.40
CA THR A 32 -7.62 0.63 -5.58
C THR A 32 -8.10 0.44 -4.15
N TRP A 33 -7.52 1.23 -3.24
CA TRP A 33 -8.02 1.37 -1.88
C TRP A 33 -8.55 2.78 -1.67
N ASP A 34 -9.78 2.89 -1.16
CA ASP A 34 -10.36 4.17 -0.77
C ASP A 34 -10.82 4.13 0.67
N GLU A 35 -10.74 5.28 1.34
CA GLU A 35 -11.41 5.45 2.61
C GLU A 35 -12.79 6.05 2.33
N VAL A 36 -13.83 5.36 2.77
CA VAL A 36 -15.19 5.78 2.52
C VAL A 36 -16.02 5.62 3.77
N ARG A 37 -16.48 6.74 4.34
CA ARG A 37 -17.36 6.74 5.51
C ARG A 37 -16.80 5.90 6.67
N GLY A 38 -15.49 6.04 6.92
CA GLY A 38 -14.82 5.34 8.00
C GLY A 38 -14.41 3.90 7.70
N GLU A 39 -14.63 3.46 6.46
CA GLU A 39 -14.34 2.10 6.04
C GLU A 39 -13.22 2.07 5.01
N TYR A 40 -12.52 0.94 4.92
CA TYR A 40 -11.51 0.75 3.88
C TYR A 40 -12.17 0.02 2.73
N VAL A 41 -12.13 0.61 1.54
CA VAL A 41 -12.81 0.04 0.39
C VAL A 41 -11.83 -0.38 -0.69
N LEU A 42 -11.80 -1.68 -0.94
CA LEU A 42 -11.00 -2.27 -2.00
C LEU A 42 -11.87 -2.40 -3.24
N THR A 43 -11.50 -1.71 -4.32
CA THR A 43 -12.21 -1.81 -5.58
C THR A 43 -11.33 -2.58 -6.56
N MET A 44 -11.91 -3.56 -7.23
CA MET A 44 -11.15 -4.41 -8.14
C MET A 44 -11.85 -4.50 -9.49
N GLY A 45 -11.05 -4.56 -10.56
CA GLY A 45 -11.56 -4.51 -11.93
C GLY A 45 -12.12 -5.81 -12.47
N GLY A 46 -12.21 -6.82 -11.61
CA GLY A 46 -12.75 -8.11 -11.98
C GLY A 46 -12.40 -9.15 -10.93
N SER A 47 -12.73 -10.40 -11.22
CA SER A 47 -12.36 -11.52 -10.35
C SER A 47 -10.91 -11.96 -10.63
N GLY A 48 -10.19 -12.31 -9.57
CA GLY A 48 -8.86 -12.87 -9.71
C GLY A 48 -7.74 -12.05 -9.11
N THR A 49 -8.10 -10.98 -8.41
CA THR A 49 -7.11 -10.16 -7.74
C THR A 49 -7.46 -9.93 -6.27
N SER A 50 -6.72 -9.06 -5.60
CA SER A 50 -6.84 -8.87 -4.17
C SER A 50 -6.12 -7.61 -3.73
N GLY A 51 -6.31 -7.25 -2.46
CA GLY A 51 -5.59 -6.15 -1.85
C GLY A 51 -5.31 -6.48 -0.40
N SER A 52 -4.26 -5.88 0.16
CA SER A 52 -3.86 -6.17 1.53
C SER A 52 -3.79 -4.91 2.39
N LEU A 53 -4.07 -5.08 3.68
CA LEU A 53 -3.88 -4.02 4.68
C LEU A 53 -2.94 -4.52 5.78
N ARG A 54 -1.97 -3.71 6.14
CA ARG A 54 -1.12 -4.00 7.28
C ARG A 54 -1.43 -3.05 8.44
N PHE A 55 -1.50 -3.61 9.64
CA PHE A 55 -1.68 -2.85 10.87
C PHE A 55 -0.55 -3.16 11.85
N VAL A 56 -0.12 -2.15 12.58
CA VAL A 56 0.99 -2.30 13.52
C VAL A 56 0.62 -1.73 14.89
N SER A 57 0.92 -2.49 15.94
CA SER A 57 0.84 -2.00 17.31
C SER A 57 2.25 -1.88 17.88
N SER A 58 2.79 -0.67 17.86
CA SER A 58 4.16 -0.42 18.33
C SER A 58 4.30 -0.49 19.85
N ASP A 59 3.18 -0.26 20.55
CA ASP A 59 3.10 -0.39 22.01
C ASP A 59 3.46 -1.81 22.46
N THR A 60 3.05 -2.80 21.67
CA THR A 60 3.16 -4.20 22.05
C THR A 60 3.97 -5.05 21.06
N ASP A 61 4.62 -4.39 20.09
CA ASP A 61 5.38 -5.04 19.01
C ASP A 61 4.57 -6.17 18.34
N GLU A 62 3.36 -5.83 17.91
CA GLU A 62 2.49 -6.75 17.20
C GLU A 62 2.13 -6.16 15.85
N SER A 63 1.79 -7.03 14.91
CA SER A 63 1.40 -6.61 13.57
C SER A 63 0.69 -7.76 12.84
N PHE A 64 -0.03 -7.41 11.78
CA PHE A 64 -0.66 -8.40 10.91
C PHE A 64 -0.96 -7.80 9.54
N VAL A 65 -1.05 -8.69 8.54
CA VAL A 65 -1.51 -8.30 7.21
C VAL A 65 -2.80 -9.05 6.93
N ALA A 66 -3.86 -8.31 6.62
CA ALA A 66 -5.14 -8.89 6.24
C ALA A 66 -5.32 -8.71 4.74
N THR A 67 -5.63 -9.80 4.04
CA THR A 67 -5.80 -9.78 2.59
C THR A 67 -7.23 -10.19 2.20
N PHE A 68 -7.77 -9.48 1.23
CA PHE A 68 -9.14 -9.65 0.75
C PHE A 68 -9.12 -9.70 -0.76
N GLY A 69 -9.94 -10.56 -1.35
CA GLY A 69 -9.98 -10.66 -2.80
C GLY A 69 -11.13 -11.49 -3.31
N VAL A 70 -11.14 -11.69 -4.63
CA VAL A 70 -12.14 -12.56 -5.26
C VAL A 70 -11.38 -13.56 -6.13
N HIS A 71 -11.65 -14.83 -5.90
CA HIS A 71 -11.06 -15.92 -6.69
C HIS A 71 -12.18 -16.73 -7.33
N ASN A 72 -12.17 -16.80 -8.66
CA ASN A 72 -13.22 -17.49 -9.43
C ASN A 72 -14.63 -17.11 -8.98
N TYR A 73 -14.86 -15.80 -8.89
CA TYR A 73 -16.15 -15.20 -8.57
C TYR A 73 -16.65 -15.47 -7.14
N LYS A 74 -15.75 -15.95 -6.28
CA LYS A 74 -16.04 -16.07 -4.85
C LYS A 74 -15.00 -15.31 -4.03
N ARG A 75 -15.48 -14.56 -3.04
CA ARG A 75 -14.57 -13.79 -2.18
C ARG A 75 -13.66 -14.71 -1.37
N TRP A 76 -12.49 -14.20 -1.04
CA TRP A 76 -11.59 -14.91 -0.15
C TRP A 76 -10.92 -13.94 0.80
N CYS A 77 -10.27 -14.49 1.82
CA CYS A 77 -9.55 -13.68 2.80
C CYS A 77 -8.49 -14.51 3.52
N ASP A 78 -7.47 -13.82 4.02
CA ASP A 78 -6.48 -14.44 4.89
C ASP A 78 -5.89 -13.39 5.81
N ILE A 79 -5.32 -13.85 6.91
CA ILE A 79 -4.53 -13.01 7.80
C ILE A 79 -3.19 -13.69 8.05
N VAL A 80 -2.12 -12.91 7.95
CA VAL A 80 -0.80 -13.38 8.34
C VAL A 80 -0.33 -12.51 9.50
N THR A 81 0.13 -13.16 10.56
CA THR A 81 0.75 -12.44 11.67
C THR A 81 2.12 -13.05 12.01
N ASN A 82 2.67 -12.71 13.18
CA ASN A 82 4.05 -13.08 13.53
C ASN A 82 5.02 -12.60 12.45
N LEU A 83 4.75 -11.39 11.94
CA LEU A 83 5.50 -10.86 10.81
C LEU A 83 6.94 -10.54 11.16
N THR A 84 7.84 -10.88 10.25
CA THR A 84 9.20 -10.36 10.30
C THR A 84 9.13 -8.94 9.75
N ASN A 85 10.18 -8.15 9.96
CA ASN A 85 10.25 -6.80 9.43
C ASN A 85 10.26 -6.77 7.90
N GLU A 86 10.63 -7.90 7.29
CA GLU A 86 10.67 -8.04 5.84
C GLU A 86 9.31 -8.40 5.25
N GLN A 87 8.34 -8.69 6.12
CA GLN A 87 7.02 -9.10 5.65
C GLN A 87 6.04 -7.95 5.65
N THR A 88 6.25 -7.01 4.72
CA THR A 88 5.32 -5.91 4.50
C THR A 88 4.14 -6.45 3.71
N ALA A 89 3.07 -5.65 3.62
CA ALA A 89 1.89 -6.02 2.84
C ALA A 89 2.24 -6.22 1.36
N LEU A 90 3.16 -5.41 0.85
CA LEU A 90 3.65 -5.55 -0.52
C LEU A 90 4.13 -6.98 -0.76
N VAL A 91 4.92 -7.50 0.18
CA VAL A 91 5.46 -8.85 0.11
C VAL A 91 4.34 -9.88 0.25
N ILE A 92 3.54 -9.75 1.30
CA ILE A 92 2.49 -10.72 1.61
C ILE A 92 1.40 -10.84 0.54
N ASN A 93 0.93 -9.70 0.03
CA ASN A 93 -0.09 -9.66 -1.03
C ASN A 93 0.29 -10.58 -2.20
N GLN A 94 1.55 -10.48 -2.62
CA GLN A 94 2.06 -11.20 -3.79
C GLN A 94 2.17 -12.70 -3.57
N GLU A 95 2.35 -13.11 -2.32
CA GLU A 95 2.58 -14.52 -2.00
C GLU A 95 1.37 -15.39 -2.29
N TYR A 96 0.20 -14.77 -2.39
CA TYR A 96 -1.04 -15.47 -2.71
C TYR A 96 -1.12 -15.83 -4.19
N TYR A 97 -0.05 -15.56 -4.94
CA TYR A 97 0.01 -15.87 -6.38
C TYR A 97 1.32 -16.55 -6.75
N GLY A 98 1.64 -17.62 -6.01
CA GLY A 98 2.87 -18.35 -6.24
C GLY A 98 3.33 -19.25 -5.11
N VAL A 99 3.01 -18.88 -3.87
CA VAL A 99 3.39 -19.68 -2.70
C VAL A 99 2.26 -20.65 -2.37
N PRO A 100 2.52 -21.95 -2.47
CA PRO A 100 1.47 -22.97 -2.33
C PRO A 100 0.57 -22.82 -1.10
N ILE A 101 1.15 -22.56 0.07
CA ILE A 101 0.33 -22.45 1.28
C ILE A 101 -0.57 -21.21 1.26
N ARG A 102 -0.09 -20.15 0.61
CA ARG A 102 -0.88 -18.93 0.45
C ARG A 102 -1.90 -19.10 -0.67
N ASP A 103 -1.48 -19.71 -1.78
CA ASP A 103 -2.39 -20.08 -2.86
C ASP A 103 -3.59 -20.86 -2.33
N GLN A 104 -3.33 -21.81 -1.44
CA GLN A 104 -4.37 -22.64 -0.84
C GLN A 104 -5.38 -21.82 -0.03
N ALA A 105 -4.87 -20.84 0.73
CA ALA A 105 -5.72 -19.95 1.51
C ALA A 105 -6.70 -19.20 0.61
N ARG A 106 -6.19 -18.70 -0.52
CA ARG A 106 -7.02 -18.02 -1.52
C ARG A 106 -8.04 -18.97 -2.15
N GLU A 107 -7.58 -20.15 -2.55
CA GLU A 107 -8.44 -21.18 -3.15
C GLU A 107 -9.58 -21.60 -2.22
N ASN A 108 -9.34 -21.50 -0.91
CA ASN A 108 -10.35 -21.81 0.11
C ASN A 108 -11.62 -20.94 0.03
N GLN A 109 -11.50 -19.75 -0.57
CA GLN A 109 -12.64 -18.85 -0.79
C GLN A 109 -13.49 -18.66 0.47
N LEU A 110 -12.81 -18.38 1.58
CA LEU A 110 -13.46 -18.32 2.89
C LEU A 110 -14.27 -17.05 3.10
N THR A 111 -15.40 -17.20 3.79
CA THR A 111 -16.23 -16.06 4.20
C THR A 111 -15.78 -15.53 5.55
N SER A 112 -14.94 -16.32 6.22
CA SER A 112 -14.43 -15.98 7.54
C SER A 112 -13.15 -16.74 7.84
N TYR A 113 -12.24 -16.08 8.55
CA TYR A 113 -10.95 -16.67 8.89
C TYR A 113 -10.41 -16.03 10.16
N ASN A 114 -9.65 -16.81 10.93
CA ASN A 114 -8.93 -16.30 12.08
C ASN A 114 -7.54 -16.94 12.27
N VAL A 115 -6.65 -16.18 12.91
CA VAL A 115 -5.31 -16.66 13.27
C VAL A 115 -4.81 -15.89 14.48
N ALA A 116 -4.04 -16.57 15.33
CA ALA A 116 -3.47 -15.94 16.51
C ALA A 116 -1.98 -15.74 16.35
N ASN A 117 -1.45 -14.65 16.90
CA ASN A 117 -0.02 -14.47 16.97
C ASN A 117 0.57 -15.25 18.14
N ALA A 118 1.90 -15.24 18.26
CA ALA A 118 2.60 -15.94 19.33
C ALA A 118 2.31 -15.37 20.72
N LYS A 119 1.77 -14.16 20.76
CA LYS A 119 1.39 -13.50 22.01
C LYS A 119 -0.02 -13.85 22.49
N GLY A 120 -0.75 -14.65 21.71
CA GLY A 120 -2.05 -15.13 22.10
C GLY A 120 -3.23 -14.28 21.65
N ARG A 121 -2.94 -13.19 20.93
CA ARG A 121 -3.99 -12.32 20.43
C ARG A 121 -4.50 -12.83 19.09
N ARG A 122 -5.81 -12.92 18.96
CA ARG A 122 -6.44 -13.38 17.74
C ARG A 122 -6.95 -12.25 16.85
N PHE A 123 -6.91 -12.49 15.54
CA PHE A 123 -7.43 -11.56 14.54
C PHE A 123 -8.39 -12.35 13.66
N ALA A 124 -9.44 -11.68 13.19
CA ALA A 124 -10.45 -12.33 12.35
C ALA A 124 -10.98 -11.43 11.23
N ILE A 125 -11.24 -12.04 10.09
CA ILE A 125 -12.04 -11.41 9.04
C ILE A 125 -13.39 -12.13 8.99
N GLU A 126 -14.46 -11.36 8.91
CA GLU A 126 -15.82 -11.88 8.83
C GLU A 126 -16.56 -11.12 7.71
N TYR A 127 -16.82 -11.80 6.60
CA TYR A 127 -17.67 -11.20 5.56
C TYR A 127 -19.13 -11.20 6.01
N THR A 128 -19.74 -10.01 6.07
CA THR A 128 -21.15 -9.86 6.44
C THR A 128 -22.06 -9.87 5.22
N VAL A 129 -21.51 -9.46 4.07
CA VAL A 129 -22.14 -9.67 2.78
C VAL A 129 -21.17 -10.51 1.95
N THR A 130 -21.60 -11.72 1.61
CA THR A 130 -20.70 -12.74 1.04
C THR A 130 -20.91 -12.95 -0.45
N GLU A 131 -21.92 -12.27 -1.01
CA GLU A 131 -22.30 -12.45 -2.41
C GLU A 131 -22.53 -11.10 -3.07
N GLY A 132 -22.38 -11.07 -4.40
CA GLY A 132 -22.65 -9.86 -5.17
C GLY A 132 -21.42 -9.03 -5.46
N ASP A 133 -21.66 -7.83 -5.99
CA ASP A 133 -20.60 -6.92 -6.42
C ASP A 133 -20.07 -6.03 -5.29
N ASN A 134 -20.92 -5.78 -4.30
CA ASN A 134 -20.53 -4.93 -3.18
C ASN A 134 -20.47 -5.73 -1.87
N LEU A 135 -19.31 -6.35 -1.65
CA LEU A 135 -19.05 -7.20 -0.49
C LEU A 135 -18.66 -6.37 0.73
N LYS A 136 -18.96 -6.89 1.91
CA LYS A 136 -18.68 -6.19 3.17
C LYS A 136 -18.02 -7.14 4.16
N ALA A 137 -17.04 -6.65 4.91
CA ALA A 137 -16.36 -7.48 5.90
C ALA A 137 -16.03 -6.72 7.17
N ASN A 138 -16.02 -7.44 8.28
CA ASN A 138 -15.49 -6.93 9.54
C ASN A 138 -14.06 -7.44 9.70
N LEU A 139 -13.15 -6.53 10.03
CA LEU A 139 -11.81 -6.94 10.46
C LEU A 139 -11.76 -6.73 11.97
N ILE A 140 -11.72 -7.84 12.71
CA ILE A 140 -11.80 -7.80 14.17
C ILE A 140 -10.45 -8.07 14.81
N ILE A 141 -9.98 -7.10 15.60
CA ILE A 141 -8.74 -7.26 16.34
C ILE A 141 -9.06 -7.63 17.78
N GLY A 142 -8.61 -8.81 18.20
CA GLY A 142 -8.88 -9.33 19.53
C GLY A 142 -7.95 -8.75 20.58
N THR B 1 17.14 4.92 11.83
CA THR B 1 15.73 5.14 11.38
C THR B 1 15.60 6.43 10.59
N TYR B 2 14.87 6.36 9.47
CA TYR B 2 14.63 7.52 8.60
C TYR B 2 13.13 7.83 8.53
N THR B 3 12.79 9.11 8.41
CA THR B 3 11.43 9.49 8.02
C THR B 3 11.46 10.40 6.80
N ILE B 4 10.44 10.26 5.95
CA ILE B 4 10.21 11.22 4.87
C ILE B 4 8.76 11.69 5.01
N SER B 5 8.60 12.97 5.29
CA SER B 5 7.27 13.59 5.44
C SER B 5 6.92 14.32 4.15
N ILE B 6 5.76 13.97 3.60
CA ILE B 6 5.36 14.42 2.27
C ILE B 6 4.10 15.27 2.31
N ARG B 7 4.19 16.47 1.75
CA ARG B 7 3.05 17.37 1.60
C ARG B 7 2.59 17.31 0.16
N VAL B 8 1.30 17.02 -0.03
CA VAL B 8 0.74 16.90 -1.39
C VAL B 8 0.05 18.19 -1.80
N TYR B 9 0.48 18.74 -2.93
CA TYR B 9 -0.10 19.93 -3.53
C TYR B 9 -0.76 19.60 -4.86
N GLN B 10 -2.08 19.55 -4.86
CA GLN B 10 -2.82 19.36 -6.09
C GLN B 10 -3.21 20.73 -6.63
N THR B 11 -2.52 21.17 -7.69
CA THR B 11 -2.53 22.56 -8.09
C THR B 11 -3.54 22.96 -9.17
N THR B 12 -4.12 21.99 -9.86
CA THR B 12 -5.03 22.29 -10.97
C THR B 12 -6.40 21.63 -10.81
N PRO B 13 -7.46 22.45 -10.72
CA PRO B 13 -8.84 21.94 -10.61
C PRO B 13 -9.37 21.48 -11.96
N LYS B 14 -8.56 20.70 -12.65
CA LYS B 14 -8.97 19.97 -13.84
C LYS B 14 -8.66 18.50 -13.52
N GLY B 15 -9.69 17.71 -13.33
CA GLY B 15 -9.52 16.35 -12.81
C GLY B 15 -9.26 16.37 -11.31
N PHE B 16 -9.21 15.18 -10.72
CA PHE B 16 -8.93 15.07 -9.29
C PHE B 16 -8.22 13.76 -8.99
N PHE B 17 -7.01 13.88 -8.44
CA PHE B 17 -6.19 12.74 -8.06
C PHE B 17 -6.43 12.40 -6.60
N ARG B 18 -6.79 11.15 -6.35
CA ARG B 18 -7.07 10.68 -4.99
C ARG B 18 -6.06 9.58 -4.64
N PRO B 19 -5.72 9.46 -3.36
CA PRO B 19 -4.77 8.42 -2.92
C PRO B 19 -5.43 7.04 -2.99
N VAL B 20 -4.73 6.06 -3.55
CA VAL B 20 -5.32 4.73 -3.76
C VAL B 20 -4.46 3.58 -3.25
N GLU B 21 -3.22 3.87 -2.89
CA GLU B 21 -2.28 2.81 -2.53
C GLU B 21 -1.04 3.36 -1.87
N ARG B 22 -0.55 2.67 -0.85
CA ARG B 22 0.72 3.02 -0.23
C ARG B 22 1.45 1.76 0.19
N THR B 23 2.67 1.59 -0.32
CA THR B 23 3.40 0.34 -0.17
C THR B 23 4.72 0.55 0.54
N ASN B 24 5.22 -0.52 1.15
CA ASN B 24 6.54 -0.50 1.77
C ASN B 24 7.41 -1.62 1.21
N TRP B 25 8.59 -1.26 0.75
CA TRP B 25 9.58 -2.27 0.34
C TRP B 25 10.18 -2.93 1.58
N LYS B 26 10.74 -4.12 1.38
CA LYS B 26 11.10 -5.01 2.49
C LYS B 26 12.52 -4.88 3.07
N TYR B 27 13.39 -4.15 2.38
CA TYR B 27 14.79 -4.02 2.85
C TYR B 27 14.87 -3.11 4.08
N ALA B 28 16.05 -3.09 4.71
CA ALA B 28 16.34 -2.18 5.82
C ALA B 28 15.32 -2.24 6.95
N ASN B 29 14.88 -3.46 7.28
CA ASN B 29 13.85 -3.71 8.29
C ASN B 29 12.48 -3.10 7.98
N GLY B 30 12.22 -2.92 6.70
CA GLY B 30 10.94 -2.43 6.21
C GLY B 30 10.65 -1.00 6.61
N GLY B 31 9.36 -0.70 6.72
CA GLY B 31 8.91 0.64 7.00
C GLY B 31 7.40 0.72 7.11
N THR B 32 6.90 1.92 7.35
CA THR B 32 5.46 2.15 7.51
C THR B 32 5.03 3.44 6.83
N TRP B 33 3.73 3.54 6.56
CA TRP B 33 3.12 4.81 6.15
C TRP B 33 2.18 5.28 7.26
N ASP B 34 2.32 6.54 7.65
CA ASP B 34 1.40 7.16 8.60
C ASP B 34 0.85 8.44 7.99
N GLU B 35 -0.36 8.79 8.39
CA GLU B 35 -0.89 10.13 8.13
C GLU B 35 -0.67 10.95 9.39
N VAL B 36 0.03 12.07 9.25
CA VAL B 36 0.36 12.95 10.37
C VAL B 36 0.13 14.41 9.98
N ARG B 37 -0.86 15.04 10.61
CA ARG B 37 -1.18 16.45 10.40
C ARG B 37 -1.37 16.81 8.92
N GLY B 38 -2.06 15.93 8.19
CA GLY B 38 -2.35 16.14 6.78
C GLY B 38 -1.21 15.78 5.85
N GLU B 39 -0.17 15.17 6.40
CA GLU B 39 1.01 14.78 5.61
C GLU B 39 1.15 13.26 5.59
N TYR B 40 1.80 12.75 4.55
CA TYR B 40 2.16 11.34 4.49
C TYR B 40 3.56 11.16 5.03
N VAL B 41 3.70 10.30 6.04
CA VAL B 41 5.00 10.05 6.66
C VAL B 41 5.44 8.62 6.43
N LEU B 42 6.49 8.48 5.64
CA LEU B 42 7.13 7.19 5.44
C LEU B 42 8.25 7.04 6.45
N THR B 43 8.18 6.00 7.28
CA THR B 43 9.22 5.69 8.26
C THR B 43 9.92 4.42 7.83
N MET B 44 11.25 4.42 7.86
CA MET B 44 12.04 3.27 7.41
C MET B 44 13.10 2.88 8.44
N GLY B 45 13.37 1.58 8.56
CA GLY B 45 14.24 1.07 9.60
C GLY B 45 15.74 1.20 9.35
N GLY B 46 16.09 1.86 8.25
CA GLY B 46 17.48 2.04 7.86
C GLY B 46 17.58 2.49 6.41
N SER B 47 18.79 2.50 5.88
CA SER B 47 19.01 2.88 4.48
C SER B 47 18.91 1.67 3.57
N GLY B 48 18.31 1.88 2.40
CA GLY B 48 18.23 0.83 1.39
C GLY B 48 16.82 0.40 1.04
N THR B 49 15.82 1.10 1.58
CA THR B 49 14.44 0.79 1.25
C THR B 49 13.64 2.02 0.80
N SER B 50 12.34 1.85 0.61
CA SER B 50 11.51 2.89 0.03
C SER B 50 10.04 2.58 0.24
N GLY B 51 9.19 3.54 -0.12
CA GLY B 51 7.75 3.36 -0.14
C GLY B 51 7.15 4.12 -1.29
N SER B 52 6.00 3.66 -1.78
CA SER B 52 5.35 4.25 -2.94
C SER B 52 3.93 4.69 -2.63
N LEU B 53 3.53 5.81 -3.25
CA LEU B 53 2.16 6.30 -3.21
C LEU B 53 1.61 6.35 -4.62
N ARG B 54 0.45 5.72 -4.83
CA ARG B 54 -0.26 5.83 -6.10
C ARG B 54 -1.46 6.76 -5.96
N PHE B 55 -1.66 7.60 -6.97
CA PHE B 55 -2.79 8.52 -7.04
C PHE B 55 -3.48 8.33 -8.38
N VAL B 56 -4.80 8.40 -8.38
CA VAL B 56 -5.60 8.17 -9.59
C VAL B 56 -6.62 9.28 -9.78
N SER B 57 -6.70 9.81 -11.01
CA SER B 57 -7.78 10.71 -11.42
C SER B 57 -8.75 9.99 -12.35
N SER B 58 -9.84 9.47 -11.78
CA SER B 58 -10.83 8.69 -12.51
C SER B 58 -11.58 9.51 -13.56
N ASP B 59 -11.78 10.79 -13.25
CA ASP B 59 -12.45 11.73 -14.15
C ASP B 59 -11.72 11.88 -15.49
N THR B 60 -10.39 11.80 -15.46
CA THR B 60 -9.57 12.10 -16.64
C THR B 60 -8.67 10.96 -17.10
N ASP B 61 -8.90 9.75 -16.56
CA ASP B 61 -8.11 8.57 -16.88
C ASP B 61 -6.60 8.81 -16.71
N GLU B 62 -6.24 9.41 -15.57
CA GLU B 62 -4.84 9.69 -15.27
C GLU B 62 -4.44 9.04 -13.95
N SER B 63 -3.13 8.81 -13.79
CA SER B 63 -2.60 8.16 -12.59
C SER B 63 -1.08 8.32 -12.55
N PHE B 64 -0.51 8.13 -11.36
CA PHE B 64 0.95 8.10 -11.20
C PHE B 64 1.34 7.42 -9.90
N VAL B 65 2.57 6.91 -9.86
CA VAL B 65 3.15 6.37 -8.63
C VAL B 65 4.37 7.22 -8.28
N ALA B 66 4.38 7.72 -7.05
CA ALA B 66 5.50 8.51 -6.55
C ALA B 66 6.22 7.70 -5.49
N THR B 67 7.52 7.50 -5.69
CA THR B 67 8.32 6.67 -4.79
C THR B 67 9.40 7.49 -4.10
N PHE B 68 9.58 7.21 -2.83
CA PHE B 68 10.50 7.92 -1.95
C PHE B 68 11.29 6.89 -1.15
N GLY B 69 12.58 7.11 -0.99
CA GLY B 69 13.40 6.20 -0.22
C GLY B 69 14.76 6.78 0.12
N VAL B 70 15.61 5.94 0.72
CA VAL B 70 17.00 6.28 1.01
C VAL B 70 17.89 5.20 0.41
N HIS B 71 18.83 5.60 -0.44
CA HIS B 71 19.79 4.68 -1.05
C HIS B 71 21.21 5.13 -0.73
N ASN B 72 21.98 4.23 -0.12
CA ASN B 72 23.33 4.54 0.37
C ASN B 72 23.35 5.86 1.14
N TYR B 73 22.42 5.95 2.10
CA TYR B 73 22.34 7.04 3.07
C TYR B 73 22.02 8.42 2.46
N LYS B 74 21.57 8.42 1.21
CA LYS B 74 21.07 9.62 0.55
C LYS B 74 19.65 9.39 0.04
N ARG B 75 18.77 10.37 0.25
CA ARG B 75 17.39 10.28 -0.21
C ARG B 75 17.29 10.13 -1.73
N TRP B 76 16.24 9.47 -2.19
CA TRP B 76 15.95 9.39 -3.62
C TRP B 76 14.45 9.48 -3.88
N CYS B 77 14.10 9.74 -5.13
CA CYS B 77 12.70 9.78 -5.54
C CYS B 77 12.56 9.47 -7.02
N ASP B 78 11.35 9.14 -7.42
CA ASP B 78 11.00 8.92 -8.81
C ASP B 78 9.50 9.04 -8.97
N ILE B 79 9.06 9.38 -10.18
CA ILE B 79 7.64 9.33 -10.53
C ILE B 79 7.48 8.51 -11.80
N VAL B 80 6.51 7.61 -11.78
CA VAL B 80 6.14 6.86 -12.97
C VAL B 80 4.70 7.21 -13.30
N THR B 81 4.45 7.53 -14.56
CA THR B 81 3.10 7.81 -15.02
C THR B 81 2.84 7.08 -16.35
N ASN B 82 1.71 7.38 -16.99
CA ASN B 82 1.23 6.62 -18.15
C ASN B 82 1.14 5.13 -17.82
N LEU B 83 0.54 4.85 -16.65
CA LEU B 83 0.47 3.50 -16.11
C LEU B 83 -0.53 2.61 -16.82
N THR B 84 -0.16 1.34 -16.97
CA THR B 84 -1.13 0.30 -17.33
C THR B 84 -1.87 -0.08 -16.05
N ASN B 85 -2.99 -0.78 -16.20
CA ASN B 85 -3.81 -1.19 -15.05
C ASN B 85 -3.09 -2.20 -14.17
N GLU B 86 -2.07 -2.84 -14.74
CA GLU B 86 -1.26 -3.85 -14.05
C GLU B 86 -0.14 -3.21 -13.23
N GLN B 87 0.10 -1.91 -13.43
CA GLN B 87 1.16 -1.21 -12.72
C GLN B 87 0.62 -0.52 -11.46
N THR B 88 0.33 -1.33 -10.44
CA THR B 88 -0.04 -0.81 -9.13
C THR B 88 1.23 -0.36 -8.43
N ALA B 89 1.08 0.32 -7.29
CA ALA B 89 2.23 0.72 -6.49
C ALA B 89 3.02 -0.50 -6.01
N LEU B 90 2.30 -1.58 -5.68
CA LEU B 90 2.92 -2.85 -5.31
C LEU B 90 3.93 -3.28 -6.38
N VAL B 91 3.52 -3.20 -7.64
CA VAL B 91 4.38 -3.58 -8.77
C VAL B 91 5.55 -2.60 -8.91
N ILE B 92 5.25 -1.30 -8.99
CA ILE B 92 6.24 -0.26 -9.22
C ILE B 92 7.30 -0.17 -8.11
N ASN B 93 6.85 -0.18 -6.85
CA ASN B 93 7.77 -0.12 -5.72
C ASN B 93 8.85 -1.20 -5.83
N GLN B 94 8.43 -2.42 -6.17
CA GLN B 94 9.30 -3.59 -6.24
C GLN B 94 10.29 -3.53 -7.41
N GLU B 95 9.91 -2.83 -8.48
CA GLU B 95 10.72 -2.74 -9.69
C GLU B 95 12.02 -1.95 -9.47
N TYR B 96 12.04 -1.12 -8.43
CA TYR B 96 13.24 -0.36 -8.09
C TYR B 96 14.35 -1.23 -7.49
N TYR B 97 14.10 -2.53 -7.40
CA TYR B 97 15.07 -3.47 -6.83
C TYR B 97 15.23 -4.70 -7.72
N GLY B 98 15.58 -4.46 -8.98
CA GLY B 98 15.77 -5.52 -9.95
C GLY B 98 15.60 -5.12 -11.40
N VAL B 99 14.80 -4.09 -11.66
CA VAL B 99 14.59 -3.59 -13.02
C VAL B 99 15.56 -2.43 -13.29
N PRO B 100 16.50 -2.64 -14.23
CA PRO B 100 17.57 -1.66 -14.51
C PRO B 100 17.13 -0.21 -14.73
N ILE B 101 16.10 0.03 -15.54
CA ILE B 101 15.63 1.39 -15.80
C ILE B 101 15.04 2.07 -14.54
N ARG B 102 14.68 1.25 -13.54
CA ARG B 102 14.18 1.75 -12.27
C ARG B 102 15.31 1.84 -11.24
N ASP B 103 16.17 0.82 -11.24
CA ASP B 103 17.36 0.79 -10.39
C ASP B 103 18.18 2.08 -10.56
N GLN B 104 18.35 2.50 -11.81
CA GLN B 104 19.15 3.67 -12.14
C GLN B 104 18.55 4.97 -11.57
N ALA B 105 17.23 5.06 -11.59
CA ALA B 105 16.53 6.22 -11.01
C ALA B 105 16.80 6.30 -9.51
N ARG B 106 16.74 5.15 -8.83
CA ARG B 106 17.03 5.08 -7.40
C ARG B 106 18.47 5.48 -7.11
N GLU B 107 19.39 4.94 -7.90
CA GLU B 107 20.82 5.20 -7.74
C GLU B 107 21.20 6.66 -7.94
N ASN B 108 20.36 7.41 -8.66
CA ASN B 108 20.58 8.84 -8.89
C ASN B 108 20.45 9.72 -7.64
N GLN B 109 19.81 9.18 -6.60
CA GLN B 109 19.65 9.86 -5.31
C GLN B 109 19.18 11.33 -5.47
N LEU B 110 18.14 11.53 -6.29
CA LEU B 110 17.67 12.86 -6.65
C LEU B 110 16.93 13.58 -5.53
N THR B 111 17.18 14.88 -5.40
CA THR B 111 16.49 15.74 -4.44
C THR B 111 15.21 16.31 -5.08
N SER B 112 15.11 16.18 -6.39
CA SER B 112 13.95 16.64 -7.14
C SER B 112 13.82 15.89 -8.46
N TYR B 113 12.57 15.64 -8.86
CA TYR B 113 12.27 14.97 -10.11
C TYR B 113 10.95 15.47 -10.66
N ASN B 114 10.90 15.70 -11.97
CA ASN B 114 9.66 16.07 -12.63
C ASN B 114 9.46 15.30 -13.94
N VAL B 115 8.20 14.96 -14.21
CA VAL B 115 7.82 14.21 -15.40
C VAL B 115 6.43 14.65 -15.86
N ALA B 116 6.15 14.43 -17.14
CA ALA B 116 4.83 14.70 -17.69
C ALA B 116 4.22 13.41 -18.24
N ASN B 117 2.90 13.28 -18.11
CA ASN B 117 2.20 12.18 -18.77
C ASN B 117 1.88 12.53 -20.23
N ALA B 118 1.29 11.58 -20.95
CA ALA B 118 0.98 11.76 -22.37
C ALA B 118 0.04 12.94 -22.64
N LYS B 119 -0.79 13.28 -21.65
CA LYS B 119 -1.75 14.36 -21.77
C LYS B 119 -1.15 15.73 -21.47
N GLY B 120 0.12 15.75 -21.04
CA GLY B 120 0.85 16.98 -20.82
C GLY B 120 0.85 17.49 -19.38
N ARG B 121 0.26 16.72 -18.47
CA ARG B 121 0.24 17.09 -17.06
C ARG B 121 1.58 16.78 -16.39
N ARG B 122 2.11 17.77 -15.68
CA ARG B 122 3.38 17.62 -14.97
C ARG B 122 3.15 17.13 -13.54
N PHE B 123 4.06 16.28 -13.07
CA PHE B 123 4.11 15.83 -11.68
C PHE B 123 5.53 16.03 -11.18
N ALA B 124 5.68 16.46 -9.94
CA ALA B 124 6.99 16.76 -9.38
C ALA B 124 7.16 16.36 -7.92
N ILE B 125 8.36 15.90 -7.58
CA ILE B 125 8.77 15.75 -6.19
C ILE B 125 9.93 16.70 -5.95
N GLU B 126 9.84 17.50 -4.88
CA GLU B 126 10.90 18.40 -4.48
C GLU B 126 11.17 18.23 -2.99
N TYR B 127 12.34 17.70 -2.65
CA TYR B 127 12.75 17.59 -1.25
C TYR B 127 13.08 18.98 -0.70
N THR B 128 12.50 19.32 0.44
CA THR B 128 12.73 20.60 1.10
C THR B 128 13.76 20.47 2.22
N VAL B 129 13.88 19.26 2.76
CA VAL B 129 14.98 18.88 3.64
C VAL B 129 15.67 17.69 2.98
N THR B 130 16.95 17.85 2.68
CA THR B 130 17.69 16.89 1.85
C THR B 130 18.76 16.12 2.61
N GLU B 131 18.94 16.44 3.89
CA GLU B 131 19.97 15.82 4.72
C GLU B 131 19.43 15.41 6.08
N GLY B 132 20.07 14.43 6.70
CA GLY B 132 19.72 13.99 8.04
C GLY B 132 18.73 12.85 8.06
N ASP B 133 18.27 12.51 9.27
CA ASP B 133 17.37 11.38 9.48
C ASP B 133 15.91 11.69 9.15
N ASN B 134 15.53 12.97 9.23
CA ASN B 134 14.13 13.35 9.02
C ASN B 134 13.94 14.26 7.81
N LEU B 135 13.68 13.62 6.68
CA LEU B 135 13.58 14.30 5.39
C LEU B 135 12.17 14.80 5.12
N LYS B 136 12.06 15.80 4.25
CA LYS B 136 10.79 16.42 3.93
C LYS B 136 10.71 16.68 2.44
N ALA B 137 9.56 16.39 1.85
CA ALA B 137 9.35 16.57 0.43
C ALA B 137 7.95 17.07 0.09
N ASN B 138 7.88 17.90 -0.94
CA ASN B 138 6.61 18.29 -1.56
C ASN B 138 6.32 17.36 -2.73
N LEU B 139 5.09 16.87 -2.81
CA LEU B 139 4.61 16.20 -4.02
C LEU B 139 3.62 17.12 -4.72
N ILE B 140 4.01 17.59 -5.89
CA ILE B 140 3.23 18.59 -6.62
C ILE B 140 2.58 17.99 -7.86
N ILE B 141 1.25 18.05 -7.90
CA ILE B 141 0.48 17.61 -9.06
C ILE B 141 0.07 18.81 -9.89
N GLY B 142 0.55 18.86 -11.14
CA GLY B 142 0.25 19.97 -12.03
C GLY B 142 -1.08 19.80 -12.74
C1 NAG C . -8.15 -17.62 -11.16
C2 NAG C . -8.36 -16.17 -11.59
C3 NAG C . -7.14 -15.62 -12.33
C4 NAG C . -5.85 -15.88 -11.54
C5 NAG C . -5.78 -17.31 -10.96
C6 NAG C . -4.67 -17.42 -9.92
C7 NAG C . -10.71 -15.59 -11.89
C8 NAG C . -11.86 -15.50 -12.86
N2 NAG C . -9.55 -16.03 -12.40
O1 NAG C . -8.08 -18.47 -12.28
O3 NAG C . -7.34 -14.22 -12.49
O4 NAG C . -4.72 -15.66 -12.36
O5 NAG C . -6.99 -17.71 -10.35
O6 NAG C . -3.54 -18.04 -10.51
O7 NAG C . -10.86 -15.28 -10.71
C1 GAL C . -7.00 -13.74 -13.82
C2 GAL C . -7.72 -12.41 -14.07
C3 GAL C . -7.32 -11.83 -15.43
C4 GAL C . -5.80 -11.78 -15.59
C5 GAL C . -5.20 -13.15 -15.28
C6 GAL C . -3.68 -13.16 -15.42
O2 GAL C . -9.11 -12.59 -14.02
O3 GAL C . -7.89 -10.55 -15.58
O4 GAL C . -5.25 -10.80 -14.73
O5 GAL C . -5.60 -13.58 -13.99
O6 GAL C . -3.15 -14.38 -14.96
C1 NAG D . 22.24 -0.44 -1.33
C2 NAG D . 21.49 -0.62 0.00
C3 NAG D . 20.93 -2.04 0.13
C4 NAG D . 20.17 -2.47 -1.12
C5 NAG D . 20.88 -2.08 -2.43
C6 NAG D . 19.92 -2.19 -3.61
C7 NAG D . 22.19 0.85 1.81
C8 NAG D . 22.93 0.93 3.11
N2 NAG D . 22.34 -0.29 1.12
O1 NAG D . 23.41 -1.23 -1.37
O3 NAG D . 20.07 -2.05 1.26
O4 NAG D . 19.99 -3.88 -1.12
O5 NAG D . 21.37 -0.75 -2.41
O6 NAG D . 20.66 -2.13 -4.82
O7 NAG D . 21.50 1.79 1.42
C1 GAL D . 20.28 -3.20 2.10
C2 GAL D . 19.77 -2.88 3.51
C3 GAL D . 19.81 -4.11 4.41
C4 GAL D . 19.22 -5.34 3.73
C5 GAL D . 19.85 -5.53 2.35
C6 GAL D . 19.27 -6.74 1.62
O2 GAL D . 20.53 -1.84 4.07
O3 GAL D . 19.10 -3.88 5.61
O4 GAL D . 17.82 -5.16 3.59
O5 GAL D . 19.66 -4.36 1.58
O6 GAL D . 19.89 -6.88 0.37
#